data_5SKO
#
_entry.id   5SKO
#
_cell.length_a   142.289
_cell.length_b   142.289
_cell.length_c   142.289
_cell.angle_alpha   90.000
_cell.angle_beta   90.000
_cell.angle_gamma   90.000
#
_symmetry.space_group_name_H-M   'I 2 3'
#
loop_
_entity.id
_entity.type
_entity.pdbx_description
1 polymer "cAMP and cAMP-inhibited cGMP 3',5'-cyclic phosphodiesterase 10A"
2 non-polymer 'ZINC ION'
3 non-polymer 'MAGNESIUM ION'
4 non-polymer 'CHLORIDE ION'
5 non-polymer N-{3-[(4R)-imidazo[1,2-a]pyridin-2-yl]phenyl}-1-methyl-3-[(pyrimidin-5-yl)amino]-1H-pyrazole-4-carboxamide
6 water water
#
_entity_poly.entity_id   1
_entity_poly.type   'polypeptide(L)'
_entity_poly.pdbx_seq_one_letter_code
;GSSICTSEEWQGLMQFTLPVRLCKEIELFHFDIGPFENMWPGIFVYMVHRSCGTSCFELEKL(CME)RFIMSVKKNYRRV
PYHNWKHAVTVAHCMYAILQNNHTLFTDLERKGLLIACLCHDLDHRGFSNSYLQKFDHPLAALYSTSTMEQHHFSQTVSI
LQLEGHNIFSTLSSSEYEQVLEIIRKAIIATDLALYFGNRKQLEEMYQTGSLNLNNQSHRDRVIGLMMTACDLCSVTKLW
PVTKLTANDIYAEFWAEGDEMKKLGIQPIPMMDRDKKDEVPQGQLGFYNAVAIPCYTTLTQILPPTEPLLKACRDNLSQW
EKVIRGEETATWISSPSVAQKAAASED
;
_entity_poly.pdbx_strand_id   A
#
loop_
_chem_comp.id
_chem_comp.type
_chem_comp.name
_chem_comp.formula
CL non-polymer 'CHLORIDE ION' 'Cl -1'
KI4 non-polymer N-{3-[(4R)-imidazo[1,2-a]pyridin-2-yl]phenyl}-1-methyl-3-[(pyrimidin-5-yl)amino]-1H-pyrazole-4-carboxamide 'C22 H18 N8 O'
MG non-polymer 'MAGNESIUM ION' 'Mg 2'
ZN non-polymer 'ZINC ION' 'Zn 2'
#
# COMPACT_ATOMS: atom_id res chain seq x y z
N LEU A 13 13.56 9.53 28.32
CA LEU A 13 12.75 9.55 27.07
C LEU A 13 11.36 8.94 27.35
N MET A 14 10.38 9.35 26.56
CA MET A 14 9.02 8.74 26.53
C MET A 14 8.97 7.78 25.35
N GLN A 15 9.27 6.50 25.59
CA GLN A 15 9.15 5.44 24.56
C GLN A 15 7.69 5.03 24.42
N PHE A 16 7.27 4.75 23.18
CA PHE A 16 5.93 4.22 22.87
C PHE A 16 5.92 2.72 23.19
N THR A 17 4.89 2.26 23.88
CA THR A 17 4.72 0.83 24.21
C THR A 17 3.33 0.36 23.76
N LEU A 18 3.19 -0.91 23.43
CA LEU A 18 1.89 -1.52 23.06
C LEU A 18 1.51 -2.54 24.12
N PRO A 19 0.20 -2.85 24.27
CA PRO A 19 -0.23 -4.01 25.03
C PRO A 19 0.50 -5.28 24.57
N VAL A 20 0.61 -6.28 25.44
CA VAL A 20 1.43 -7.50 25.26
C VAL A 20 1.07 -8.15 23.93
N ARG A 21 -0.21 -8.45 23.69
CA ARG A 21 -0.67 -9.15 22.48
C ARG A 21 -0.21 -8.38 21.22
N LEU A 22 -0.35 -7.05 21.21
CA LEU A 22 -0.04 -6.20 20.02
C LEU A 22 1.48 -6.16 19.81
N CYS A 23 2.23 -6.01 20.89
CA CYS A 23 3.73 -5.96 20.91
C CYS A 23 4.29 -7.22 20.22
N LYS A 24 3.72 -8.40 20.48
CA LYS A 24 4.18 -9.66 19.87
C LYS A 24 3.66 -9.80 18.43
N GLU A 25 2.38 -9.53 18.19
CA GLU A 25 1.74 -9.90 16.90
C GLU A 25 2.08 -8.87 15.83
N ILE A 26 2.43 -7.64 16.20
CA ILE A 26 2.78 -6.57 15.22
C ILE A 26 4.03 -7.00 14.41
N GLU A 27 4.84 -7.92 14.95
CA GLU A 27 6.06 -8.43 14.27
C GLU A 27 5.66 -9.45 13.19
N LEU A 28 4.46 -10.05 13.24
CA LEU A 28 3.96 -11.03 12.24
C LEU A 28 3.41 -10.29 11.01
N PHE A 29 3.65 -10.81 9.81
CA PHE A 29 3.20 -10.16 8.55
C PHE A 29 1.65 -10.07 8.53
N HIS A 30 0.95 -11.05 9.10
CA HIS A 30 -0.53 -11.19 8.95
C HIS A 30 -1.27 -10.40 10.05
N PHE A 31 -0.56 -9.71 10.93
CA PHE A 31 -1.13 -8.77 11.93
C PHE A 31 -2.28 -7.94 11.32
N ASP A 32 -3.37 -7.83 12.07
CA ASP A 32 -4.53 -6.95 11.78
C ASP A 32 -4.53 -5.82 12.81
N ILE A 33 -4.62 -4.55 12.38
CA ILE A 33 -4.40 -3.38 13.28
C ILE A 33 -5.62 -3.11 14.16
N GLY A 34 -6.72 -3.82 13.95
CA GLY A 34 -7.88 -3.77 14.85
C GLY A 34 -8.85 -2.64 14.51
N PRO A 35 -10.02 -2.62 15.19
CA PRO A 35 -11.09 -1.67 14.94
C PRO A 35 -11.09 -0.37 15.75
N PHE A 36 -10.11 -0.16 16.64
CA PHE A 36 -9.97 1.05 17.48
C PHE A 36 -9.10 2.08 16.73
N GLU A 37 -9.74 2.96 15.97
CA GLU A 37 -9.08 3.97 15.10
C GLU A 37 -8.09 4.81 15.91
N ASN A 38 -8.41 5.07 17.18
CA ASN A 38 -7.67 6.01 18.05
C ASN A 38 -6.36 5.36 18.52
N MET A 39 -6.17 4.06 18.30
CA MET A 39 -4.87 3.38 18.58
C MET A 39 -3.93 3.40 17.36
N TRP A 40 -4.44 3.69 16.16
CA TRP A 40 -3.64 3.55 14.91
C TRP A 40 -2.48 4.55 14.88
N PRO A 41 -2.63 5.82 15.32
CA PRO A 41 -1.50 6.76 15.35
C PRO A 41 -0.36 6.24 16.26
N GLY A 42 -0.70 5.77 17.45
CA GLY A 42 0.29 5.15 18.38
C GLY A 42 0.99 3.96 17.75
N ILE A 43 0.25 3.11 17.04
CA ILE A 43 0.79 1.92 16.32
C ILE A 43 1.79 2.40 15.26
N PHE A 44 1.43 3.43 14.49
CA PHE A 44 2.33 3.98 13.44
C PHE A 44 3.63 4.51 14.07
N VAL A 45 3.53 5.29 15.15
CA VAL A 45 4.71 5.93 15.80
C VAL A 45 5.60 4.82 16.36
N TYR A 46 5.00 3.78 16.92
CA TYR A 46 5.74 2.64 17.49
C TYR A 46 6.57 2.00 16.37
N MET A 47 5.93 1.77 15.21
CA MET A 47 6.61 1.16 14.05
C MET A 47 7.74 2.08 13.58
N VAL A 48 7.52 3.40 13.51
CA VAL A 48 8.55 4.39 13.08
C VAL A 48 9.74 4.34 14.05
N HIS A 49 9.47 4.45 15.36
CA HIS A 49 10.49 4.41 16.45
C HIS A 49 11.33 3.13 16.36
N ARG A 50 10.75 1.98 15.99
CA ARG A 50 11.50 0.69 15.99
C ARG A 50 12.25 0.43 14.68
N SER A 51 11.71 0.86 13.54
CA SER A 51 12.29 0.54 12.21
C SER A 51 13.26 1.64 11.76
N CYS A 52 13.00 2.88 12.17
CA CYS A 52 13.78 4.11 11.82
C CYS A 52 14.67 4.50 13.00
N GLY A 53 14.08 4.63 14.20
CA GLY A 53 14.74 5.13 15.43
C GLY A 53 13.94 6.26 16.05
N THR A 54 14.09 6.48 17.37
CA THR A 54 13.32 7.48 18.16
C THR A 54 13.78 8.92 17.85
N SER A 55 14.88 9.11 17.13
CA SER A 55 15.45 10.44 16.78
C SER A 55 15.24 10.78 15.28
N CYS A 56 14.61 9.90 14.50
CA CYS A 56 14.31 10.16 13.06
C CYS A 56 13.45 11.41 12.91
N PHE A 57 12.45 11.57 13.79
CA PHE A 57 11.45 12.67 13.71
C PHE A 57 11.21 13.28 15.09
N GLU A 58 10.94 14.58 15.14
CA GLU A 58 10.38 15.28 16.33
C GLU A 58 8.95 14.78 16.52
N LEU A 59 8.65 14.21 17.69
CA LEU A 59 7.38 13.52 17.99
C LEU A 59 6.19 14.45 17.77
N GLU A 60 6.32 15.73 18.13
CA GLU A 60 5.22 16.73 18.04
C GLU A 60 4.89 17.02 16.57
N LYS A 61 5.91 17.14 15.71
CA LYS A 61 5.71 17.39 14.26
C LYS A 61 5.13 16.12 13.63
N LEU A 62 5.58 14.95 14.06
CA LEU A 62 5.15 13.65 13.49
C LEU A 62 3.66 13.45 13.83
N CME A 63 3.27 13.75 15.06
CA CME A 63 1.87 13.61 15.54
CB CME A 63 1.76 13.71 17.06
SG CME A 63 2.23 12.20 17.95
SD CME A 63 0.89 10.78 17.33
CE CME A 63 -0.41 10.78 18.59
CZ CME A 63 -0.22 9.67 19.60
OH CME A 63 -1.28 9.68 20.52
C CME A 63 0.97 14.58 14.78
O CME A 63 -0.15 14.18 14.41
N ARG A 64 1.43 15.80 14.53
CA ARG A 64 0.63 16.83 13.81
C ARG A 64 0.46 16.39 12.36
N PHE A 65 1.53 15.87 11.76
CA PHE A 65 1.54 15.32 10.38
C PHE A 65 0.56 14.15 10.27
N ILE A 66 0.62 13.19 11.20
CA ILE A 66 -0.26 11.99 11.21
C ILE A 66 -1.72 12.46 11.19
N MET A 67 -2.09 13.44 12.01
CA MET A 67 -3.50 13.85 12.19
C MET A 67 -3.98 14.62 10.96
N SER A 68 -3.11 15.39 10.30
CA SER A 68 -3.43 16.05 9.02
C SER A 68 -3.62 15.00 7.91
N VAL A 69 -2.78 13.96 7.85
CA VAL A 69 -2.93 12.85 6.87
C VAL A 69 -4.29 12.14 7.09
N LYS A 70 -4.60 11.72 8.32
CA LYS A 70 -5.88 11.08 8.68
C LYS A 70 -7.06 11.92 8.16
N LYS A 71 -7.02 13.23 8.39
CA LYS A 71 -8.13 14.15 8.05
C LYS A 71 -8.32 14.22 6.53
N ASN A 72 -7.31 13.92 5.74
CA ASN A 72 -7.37 14.06 4.26
C ASN A 72 -7.59 12.69 3.59
N TYR A 73 -7.78 11.62 4.36
CA TYR A 73 -8.42 10.35 3.91
C TYR A 73 -9.93 10.51 4.09
N ARG A 74 -10.69 9.94 3.17
CA ARG A 74 -12.16 10.06 3.10
C ARG A 74 -12.81 8.81 3.70
N ARG A 75 -14.09 8.92 4.04
CA ARG A 75 -14.91 7.84 4.63
C ARG A 75 -15.40 6.98 3.46
N VAL A 76 -14.51 6.20 2.86
CA VAL A 76 -14.88 5.25 1.78
C VAL A 76 -14.68 3.84 2.34
N PRO A 77 -15.28 2.81 1.71
CA PRO A 77 -15.23 1.46 2.25
C PRO A 77 -13.84 0.81 2.31
N TYR A 78 -12.97 1.07 1.32
CA TYR A 78 -11.66 0.37 1.24
C TYR A 78 -10.48 1.36 1.26
N HIS A 79 -10.44 2.35 0.37
CA HIS A 79 -9.30 3.30 0.21
C HIS A 79 -9.32 4.35 1.32
N ASN A 80 -9.18 3.91 2.58
CA ASN A 80 -9.44 4.74 3.76
C ASN A 80 -8.21 4.73 4.68
N TRP A 81 -8.33 5.43 5.80
CA TRP A 81 -7.25 5.63 6.80
C TRP A 81 -6.77 4.28 7.33
N LYS A 82 -7.68 3.31 7.50
CA LYS A 82 -7.33 1.93 7.96
C LYS A 82 -6.42 1.24 6.94
N HIS A 83 -6.73 1.36 5.63
CA HIS A 83 -5.90 0.85 4.51
C HIS A 83 -4.49 1.46 4.60
N ALA A 84 -4.40 2.78 4.73
CA ALA A 84 -3.13 3.53 4.84
C ALA A 84 -2.24 2.90 5.93
N VAL A 85 -2.77 2.71 7.12
CA VAL A 85 -1.98 2.20 8.29
C VAL A 85 -1.65 0.72 8.07
N THR A 86 -2.56 -0.03 7.48
CA THR A 86 -2.36 -1.48 7.19
C THR A 86 -1.21 -1.64 6.21
N VAL A 87 -1.15 -0.78 5.19
CA VAL A 87 -0.07 -0.83 4.16
C VAL A 87 1.27 -0.48 4.83
N ALA A 88 1.31 0.56 5.68
CA ALA A 88 2.52 0.98 6.40
C ALA A 88 3.01 -0.16 7.31
N HIS A 89 2.10 -0.88 7.96
CA HIS A 89 2.50 -2.03 8.82
C HIS A 89 3.14 -3.14 7.97
N CYS A 90 2.60 -3.43 6.79
CA CYS A 90 3.23 -4.42 5.90
C CYS A 90 4.67 -3.97 5.59
N MET A 91 4.85 -2.69 5.25
CA MET A 91 6.19 -2.12 4.97
C MET A 91 7.09 -2.23 6.21
N TYR A 92 6.55 -1.99 7.39
CA TYR A 92 7.27 -2.20 8.68
C TYR A 92 7.81 -3.64 8.74
N ALA A 93 6.97 -4.66 8.50
CA ALA A 93 7.37 -6.08 8.63
C ALA A 93 8.47 -6.42 7.61
N ILE A 94 8.39 -5.87 6.40
CA ILE A 94 9.42 -6.08 5.33
C ILE A 94 10.74 -5.44 5.78
N LEU A 95 10.70 -4.21 6.29
CA LEU A 95 11.94 -3.49 6.69
C LEU A 95 12.57 -4.21 7.89
N GLN A 96 11.79 -4.62 8.88
CA GLN A 96 12.36 -5.26 10.10
C GLN A 96 13.02 -6.59 9.74
N ASN A 97 12.58 -7.28 8.68
CA ASN A 97 13.06 -8.64 8.34
C ASN A 97 14.18 -8.56 7.28
N ASN A 98 14.47 -7.37 6.78
CA ASN A 98 15.50 -7.11 5.74
C ASN A 98 16.30 -5.88 6.16
N HIS A 99 16.64 -5.78 7.44
CA HIS A 99 17.03 -4.49 8.06
C HIS A 99 18.45 -4.08 7.64
N THR A 100 19.24 -4.96 7.04
CA THR A 100 20.60 -4.57 6.53
C THR A 100 20.49 -3.95 5.13
N LEU A 101 19.41 -4.15 4.39
CA LEU A 101 19.38 -3.81 2.94
C LEU A 101 19.01 -2.35 2.67
N PHE A 102 18.45 -1.58 3.60
CA PHE A 102 17.90 -0.22 3.29
C PHE A 102 18.70 0.88 3.99
N THR A 103 18.70 2.07 3.40
CA THR A 103 19.40 3.29 3.91
C THR A 103 18.51 3.99 4.94
N ASP A 104 19.10 4.96 5.65
CA ASP A 104 18.43 5.83 6.65
C ASP A 104 17.26 6.54 5.98
N LEU A 105 17.52 7.18 4.84
CA LEU A 105 16.53 7.97 4.08
C LEU A 105 15.40 7.06 3.61
N GLU A 106 15.73 5.84 3.17
CA GLU A 106 14.73 4.86 2.65
C GLU A 106 13.77 4.47 3.79
N ARG A 107 14.28 4.19 4.98
CA ARG A 107 13.42 3.81 6.14
C ARG A 107 12.47 4.96 6.46
N LYS A 108 13.00 6.16 6.71
CA LYS A 108 12.22 7.40 6.92
C LYS A 108 11.15 7.52 5.83
N GLY A 109 11.56 7.49 4.56
CA GLY A 109 10.69 7.82 3.42
C GLY A 109 9.56 6.82 3.22
N LEU A 110 9.82 5.52 3.39
CA LEU A 110 8.92 4.43 2.92
C LEU A 110 7.73 4.25 3.87
N LEU A 111 7.90 4.41 5.17
CA LEU A 111 6.75 4.34 6.11
C LEU A 111 5.82 5.52 5.85
N ILE A 112 6.37 6.70 5.55
CA ILE A 112 5.56 7.92 5.26
C ILE A 112 4.87 7.76 3.91
N ALA A 113 5.60 7.30 2.91
CA ALA A 113 5.07 6.99 1.56
C ALA A 113 3.80 6.13 1.68
N CYS A 114 3.87 5.07 2.48
CA CYS A 114 2.77 4.08 2.69
C CYS A 114 1.57 4.74 3.39
N LEU A 115 1.81 5.53 4.43
CA LEU A 115 0.72 6.23 5.15
C LEU A 115 -0.02 7.20 4.19
N CYS A 116 0.70 7.80 3.24
CA CYS A 116 0.19 8.90 2.38
C CYS A 116 -0.25 8.40 1.00
N HIS A 117 -0.15 7.10 0.72
CA HIS A 117 -0.11 6.60 -0.68
C HIS A 117 -1.49 6.69 -1.34
N ASP A 118 -2.58 6.77 -0.57
CA ASP A 118 -3.95 6.89 -1.14
C ASP A 118 -4.65 8.15 -0.62
N LEU A 119 -3.91 9.21 -0.27
CA LEU A 119 -4.49 10.46 0.29
C LEU A 119 -5.57 11.00 -0.65
N ASP A 120 -6.73 11.32 -0.08
CA ASP A 120 -7.87 11.99 -0.76
C ASP A 120 -8.43 11.07 -1.85
N HIS A 121 -8.32 9.75 -1.70
CA HIS A 121 -8.94 8.77 -2.63
C HIS A 121 -10.46 8.95 -2.59
N ARG A 122 -11.15 9.01 -3.74
CA ARG A 122 -12.63 9.16 -3.77
C ARG A 122 -13.32 7.81 -3.98
N GLY A 123 -12.59 6.70 -4.07
CA GLY A 123 -13.17 5.35 -4.28
C GLY A 123 -13.39 5.02 -5.76
N PHE A 124 -12.77 5.78 -6.67
CA PHE A 124 -12.87 5.62 -8.14
C PHE A 124 -11.48 5.37 -8.74
N SER A 125 -11.43 4.52 -9.76
CA SER A 125 -10.21 4.21 -10.56
C SER A 125 -9.81 5.39 -11.46
N ASN A 126 -8.58 5.36 -12.00
CA ASN A 126 -8.07 6.32 -13.02
C ASN A 126 -8.94 6.25 -14.27
N SER A 127 -9.44 5.06 -14.65
CA SER A 127 -10.34 4.86 -15.82
C SER A 127 -11.61 5.70 -15.66
N TYR A 128 -12.23 5.67 -14.48
CA TYR A 128 -13.51 6.39 -14.26
C TYR A 128 -13.26 7.90 -14.39
N LEU A 129 -12.20 8.41 -13.77
CA LEU A 129 -11.85 9.85 -13.83
C LEU A 129 -11.66 10.28 -15.29
N GLN A 130 -11.03 9.43 -16.12
CA GLN A 130 -10.85 9.70 -17.57
C GLN A 130 -12.20 9.69 -18.30
N LYS A 131 -13.05 8.70 -18.07
CA LYS A 131 -14.38 8.60 -18.76
C LYS A 131 -15.30 9.71 -18.28
N PHE A 132 -15.23 10.09 -17.00
CA PHE A 132 -16.04 11.19 -16.42
C PHE A 132 -15.60 12.54 -16.99
N ASP A 133 -14.34 12.65 -17.38
CA ASP A 133 -13.67 13.90 -17.80
C ASP A 133 -13.47 14.77 -16.55
N HIS A 134 -12.96 14.17 -15.47
CA HIS A 134 -12.64 14.88 -14.20
C HIS A 134 -11.47 15.82 -14.46
N PRO A 135 -11.45 17.04 -13.87
CA PRO A 135 -10.31 17.94 -14.01
C PRO A 135 -8.95 17.27 -13.70
N LEU A 136 -8.87 16.38 -12.71
CA LEU A 136 -7.61 15.68 -12.35
C LEU A 136 -7.04 14.93 -13.56
N ALA A 137 -7.90 14.42 -14.47
CA ALA A 137 -7.47 13.67 -15.67
C ALA A 137 -6.82 14.62 -16.68
N ALA A 138 -7.26 15.88 -16.73
CA ALA A 138 -6.64 16.95 -17.55
C ALA A 138 -5.28 17.35 -16.97
N LEU A 139 -5.14 17.42 -15.65
CA LEU A 139 -3.91 17.82 -14.91
C LEU A 139 -2.83 16.74 -15.01
N TYR A 140 -3.20 15.47 -14.80
CA TYR A 140 -2.28 14.31 -14.80
C TYR A 140 -2.84 13.24 -15.75
N SER A 141 -2.22 13.06 -16.90
CA SER A 141 -2.71 12.21 -18.03
C SER A 141 -2.51 10.72 -17.73
N THR A 142 -1.45 10.34 -17.01
CA THR A 142 -1.20 8.93 -16.57
C THR A 142 -1.07 8.90 -15.04
N SER A 143 -1.36 7.76 -14.43
CA SER A 143 -1.26 7.57 -12.96
C SER A 143 -1.96 8.74 -12.26
N THR A 144 -3.18 9.06 -12.68
CA THR A 144 -3.93 10.30 -12.34
C THR A 144 -4.03 10.45 -10.81
N MET A 145 -4.66 9.48 -10.14
CA MET A 145 -4.90 9.53 -8.68
C MET A 145 -3.56 9.51 -7.94
N GLU A 146 -2.57 8.77 -8.45
CA GLU A 146 -1.28 8.58 -7.76
C GLU A 146 -0.50 9.90 -7.78
N GLN A 147 -0.50 10.63 -8.91
CA GLN A 147 0.09 12.00 -8.94
C GLN A 147 -0.71 12.91 -7.98
N HIS A 148 -2.04 12.77 -7.90
CA HIS A 148 -2.84 13.55 -6.92
C HIS A 148 -2.42 13.22 -5.48
N HIS A 149 -2.25 11.93 -5.14
CA HIS A 149 -1.89 11.49 -3.77
C HIS A 149 -0.56 12.14 -3.36
N PHE A 150 0.42 12.14 -4.25
CA PHE A 150 1.75 12.73 -3.96
C PHE A 150 1.60 14.25 -3.75
N SER A 151 0.85 14.93 -4.62
CA SER A 151 0.58 16.39 -4.53
C SER A 151 -0.04 16.72 -3.16
N GLN A 152 -0.90 15.85 -2.66
CA GLN A 152 -1.55 16.02 -1.33
C GLN A 152 -0.48 15.85 -0.25
N THR A 153 0.45 14.90 -0.44
CA THR A 153 1.55 14.62 0.53
C THR A 153 2.38 15.89 0.69
N VAL A 154 2.79 16.50 -0.43
CA VAL A 154 3.66 17.71 -0.47
C VAL A 154 2.89 18.87 0.20
N SER A 155 1.61 19.06 -0.11
CA SER A 155 0.76 20.10 0.52
C SER A 155 0.83 19.97 2.03
N ILE A 156 0.63 18.76 2.56
CA ILE A 156 0.61 18.55 4.03
C ILE A 156 2.01 18.84 4.62
N LEU A 157 3.09 18.36 3.98
CA LEU A 157 4.49 18.59 4.48
C LEU A 157 4.79 20.09 4.58
N GLN A 158 4.18 20.90 3.71
CA GLN A 158 4.45 22.36 3.56
C GLN A 158 3.52 23.16 4.47
N LEU A 159 2.69 22.52 5.31
CA LEU A 159 1.89 23.24 6.35
C LEU A 159 2.83 23.65 7.49
N GLU A 160 2.53 24.79 8.12
CA GLU A 160 3.30 25.29 9.29
C GLU A 160 3.36 24.17 10.33
N GLY A 161 4.56 23.82 10.79
CA GLY A 161 4.80 22.84 11.86
C GLY A 161 4.64 21.38 11.41
N HIS A 162 4.46 21.11 10.10
CA HIS A 162 4.29 19.74 9.55
C HIS A 162 5.55 19.23 8.84
N ASN A 163 6.67 19.97 8.81
CA ASN A 163 7.88 19.51 8.08
C ASN A 163 8.65 18.53 8.97
N ILE A 164 8.25 17.27 8.90
CA ILE A 164 8.86 16.16 9.69
C ILE A 164 10.28 15.92 9.19
N PHE A 165 10.68 16.50 8.07
CA PHE A 165 12.05 16.34 7.50
C PHE A 165 12.90 17.61 7.69
N SER A 166 12.61 18.45 8.68
CA SER A 166 13.17 19.82 8.79
C SER A 166 14.67 19.78 9.17
N THR A 167 15.19 18.70 9.76
CA THR A 167 16.61 18.57 10.15
C THR A 167 17.48 18.07 8.97
N LEU A 168 16.88 17.49 7.92
CA LEU A 168 17.62 17.06 6.71
C LEU A 168 18.15 18.29 5.97
N SER A 169 19.24 18.13 5.23
CA SER A 169 19.76 19.19 4.34
C SER A 169 18.82 19.32 3.13
N SER A 170 19.01 20.36 2.35
CA SER A 170 18.31 20.59 1.06
C SER A 170 18.39 19.33 0.18
N SER A 171 19.60 18.75 0.01
CA SER A 171 19.83 17.63 -0.94
C SER A 171 19.18 16.35 -0.38
N GLU A 172 19.19 16.17 0.93
CA GLU A 172 18.61 14.97 1.59
C GLU A 172 17.07 15.04 1.52
N TYR A 173 16.49 16.19 1.87
CA TYR A 173 15.05 16.46 1.74
C TYR A 173 14.62 16.14 0.29
N GLU A 174 15.39 16.58 -0.71
CA GLU A 174 15.05 16.36 -2.14
C GLU A 174 15.08 14.87 -2.44
N GLN A 175 16.06 14.13 -1.92
CA GLN A 175 16.19 12.65 -2.12
C GLN A 175 14.98 11.93 -1.48
N VAL A 176 14.65 12.26 -0.23
CA VAL A 176 13.56 11.53 0.47
C VAL A 176 12.22 11.79 -0.26
N LEU A 177 11.96 13.03 -0.70
CA LEU A 177 10.71 13.39 -1.43
C LEU A 177 10.67 12.61 -2.76
N GLU A 178 11.83 12.33 -3.35
CA GLU A 178 11.95 11.61 -4.64
C GLU A 178 11.71 10.11 -4.39
N ILE A 179 12.15 9.56 -3.26
CA ILE A 179 11.78 8.19 -2.80
C ILE A 179 10.26 8.09 -2.61
N ILE A 180 9.66 9.05 -1.90
CA ILE A 180 8.20 9.05 -1.60
C ILE A 180 7.44 9.12 -2.92
N ARG A 181 7.84 9.99 -3.85
CA ARG A 181 7.11 10.22 -5.13
C ARG A 181 7.10 8.91 -5.94
N LYS A 182 8.27 8.29 -6.10
CA LYS A 182 8.41 7.04 -6.89
C LYS A 182 7.63 5.92 -6.22
N ALA A 183 7.75 5.78 -4.89
CA ALA A 183 7.00 4.76 -4.12
C ALA A 183 5.49 4.94 -4.34
N ILE A 184 4.96 6.16 -4.28
CA ILE A 184 3.49 6.39 -4.40
C ILE A 184 3.07 6.12 -5.84
N ILE A 185 3.79 6.66 -6.81
CA ILE A 185 3.47 6.42 -8.25
C ILE A 185 3.47 4.90 -8.53
N ALA A 186 4.30 4.11 -7.86
CA ALA A 186 4.43 2.65 -8.13
C ALA A 186 3.17 1.88 -7.69
N THR A 187 2.37 2.46 -6.79
CA THR A 187 1.11 1.82 -6.30
C THR A 187 0.05 1.85 -7.40
N ASP A 188 0.31 2.50 -8.53
CA ASP A 188 -0.55 2.40 -9.73
C ASP A 188 -0.41 0.98 -10.33
N LEU A 189 -1.43 0.15 -10.19
CA LEU A 189 -1.33 -1.28 -10.57
C LEU A 189 -1.04 -1.42 -12.07
N ALA A 190 -1.43 -0.47 -12.92
CA ALA A 190 -1.14 -0.50 -14.37
C ALA A 190 0.39 -0.60 -14.59
N LEU A 191 1.20 -0.03 -13.70
CA LEU A 191 2.68 0.03 -13.83
C LEU A 191 3.31 -1.25 -13.28
N TYR A 192 2.63 -1.95 -12.38
CA TYR A 192 3.19 -3.13 -11.68
C TYR A 192 3.54 -4.25 -12.67
N PHE A 193 2.71 -4.48 -13.69
CA PHE A 193 2.87 -5.64 -14.63
C PHE A 193 4.26 -5.54 -15.28
N GLY A 194 4.60 -4.38 -15.85
CA GLY A 194 5.91 -4.14 -16.50
C GLY A 194 7.06 -4.17 -15.50
N ASN A 195 6.85 -3.66 -14.28
CA ASN A 195 7.90 -3.57 -13.25
C ASN A 195 8.27 -4.96 -12.75
N ARG A 196 7.28 -5.83 -12.52
CA ARG A 196 7.54 -7.20 -12.02
C ARG A 196 8.22 -8.03 -13.12
N LYS A 197 7.84 -7.84 -14.39
CA LYS A 197 8.44 -8.53 -15.55
C LYS A 197 9.94 -8.22 -15.59
N GLN A 198 10.30 -6.93 -15.60
CA GLN A 198 11.69 -6.44 -15.60
C GLN A 198 12.45 -7.09 -14.43
N LEU A 199 11.91 -7.05 -13.21
CA LEU A 199 12.60 -7.59 -12.00
C LEU A 199 12.77 -9.11 -12.15
N GLU A 200 11.82 -9.76 -12.80
CA GLU A 200 11.80 -11.23 -13.07
C GLU A 200 12.97 -11.59 -14.02
N GLU A 201 13.10 -10.90 -15.16
CA GLU A 201 14.21 -11.08 -16.15
C GLU A 201 15.55 -10.73 -15.49
N MET A 202 15.62 -9.60 -14.79
CA MET A 202 16.84 -9.10 -14.10
C MET A 202 17.31 -10.15 -13.08
N TYR A 203 16.37 -10.83 -12.43
CA TYR A 203 16.69 -11.83 -11.38
C TYR A 203 17.21 -13.11 -12.05
N GLN A 204 16.57 -13.53 -13.14
CA GLN A 204 16.83 -14.82 -13.84
C GLN A 204 18.12 -14.75 -14.66
N THR A 205 18.52 -13.57 -15.14
CA THR A 205 19.78 -13.37 -15.92
C THR A 205 20.95 -13.09 -14.96
N GLY A 206 20.67 -12.86 -13.67
CA GLY A 206 21.68 -12.51 -12.65
C GLY A 206 22.16 -11.07 -12.72
N SER A 207 21.44 -10.17 -13.41
CA SER A 207 21.85 -8.77 -13.65
C SER A 207 21.39 -7.82 -12.53
N LEU A 208 20.43 -8.24 -11.68
CA LEU A 208 19.84 -7.39 -10.61
C LEU A 208 20.95 -6.98 -9.64
N ASN A 209 21.07 -5.67 -9.38
CA ASN A 209 22.17 -5.05 -8.60
C ASN A 209 21.56 -4.00 -7.65
N LEU A 210 21.47 -4.30 -6.36
CA LEU A 210 20.85 -3.42 -5.36
C LEU A 210 21.69 -2.17 -5.10
N ASN A 211 22.87 -2.05 -5.73
CA ASN A 211 23.69 -0.80 -5.71
C ASN A 211 23.35 0.07 -6.93
N ASN A 212 22.67 -0.49 -7.93
CA ASN A 212 22.15 0.30 -9.07
C ASN A 212 20.86 0.98 -8.60
N GLN A 213 20.86 2.32 -8.47
CA GLN A 213 19.73 3.15 -7.97
C GLN A 213 18.46 2.83 -8.78
N SER A 214 18.57 2.78 -10.10
CA SER A 214 17.41 2.47 -10.99
C SER A 214 16.88 1.06 -10.70
N HIS A 215 17.71 0.14 -10.18
CA HIS A 215 17.27 -1.20 -9.73
C HIS A 215 16.61 -1.13 -8.34
N ARG A 216 17.16 -0.33 -7.42
CA ARG A 216 16.56 -0.14 -6.07
C ARG A 216 15.12 0.35 -6.27
N ASP A 217 14.97 1.34 -7.15
CA ASP A 217 13.69 2.00 -7.52
C ASP A 217 12.67 0.93 -7.90
N ARG A 218 13.06 -0.07 -8.72
CA ARG A 218 12.18 -1.16 -9.17
C ARG A 218 11.83 -2.07 -7.97
N VAL A 219 12.80 -2.38 -7.10
CA VAL A 219 12.57 -3.28 -5.93
C VAL A 219 11.60 -2.60 -4.95
N ILE A 220 11.77 -1.31 -4.69
CA ILE A 220 10.86 -0.51 -3.80
C ILE A 220 9.47 -0.44 -4.44
N GLY A 221 9.39 -0.29 -5.76
CA GLY A 221 8.12 -0.37 -6.52
C GLY A 221 7.39 -1.65 -6.17
N LEU A 222 8.06 -2.79 -6.33
CA LEU A 222 7.43 -4.11 -6.10
C LEU A 222 7.03 -4.21 -4.62
N MET A 223 7.88 -3.72 -3.71
CA MET A 223 7.58 -3.72 -2.26
C MET A 223 6.28 -2.91 -2.01
N MET A 224 6.07 -1.82 -2.73
CA MET A 224 4.89 -0.93 -2.56
C MET A 224 3.64 -1.66 -3.09
N THR A 225 3.73 -2.34 -4.24
CA THR A 225 2.64 -3.23 -4.73
C THR A 225 2.31 -4.27 -3.67
N ALA A 226 3.32 -5.00 -3.16
CA ALA A 226 3.14 -6.08 -2.17
C ALA A 226 2.45 -5.54 -0.90
N CYS A 227 2.85 -4.36 -0.44
CA CYS A 227 2.25 -3.72 0.76
C CYS A 227 0.81 -3.29 0.46
N ASP A 228 0.58 -2.69 -0.70
CA ASP A 228 -0.73 -2.17 -1.14
C ASP A 228 -1.76 -3.31 -1.20
N LEU A 229 -1.37 -4.51 -1.64
CA LEU A 229 -2.27 -5.69 -1.78
C LEU A 229 -2.30 -6.58 -0.53
N CYS A 230 -1.64 -6.21 0.56
CA CYS A 230 -1.33 -7.12 1.72
C CYS A 230 -2.61 -7.64 2.39
N SER A 231 -3.78 -7.12 2.02
CA SER A 231 -5.09 -7.65 2.50
C SER A 231 -5.31 -9.09 2.04
N VAL A 232 -4.68 -9.53 0.94
CA VAL A 232 -4.76 -10.95 0.46
C VAL A 232 -3.72 -11.82 1.18
N THR A 233 -2.93 -11.25 2.09
CA THR A 233 -1.90 -12.02 2.85
C THR A 233 -2.27 -12.13 4.34
N LYS A 234 -3.52 -11.83 4.67
CA LYS A 234 -3.99 -11.91 6.08
C LYS A 234 -4.61 -13.30 6.29
N LEU A 235 -5.01 -13.60 7.52
CA LEU A 235 -5.74 -14.85 7.83
C LEU A 235 -7.09 -14.78 7.13
N TRP A 236 -7.62 -15.93 6.73
CA TRP A 236 -8.82 -16.05 5.87
C TRP A 236 -9.94 -15.14 6.37
N PRO A 237 -10.35 -15.17 7.65
CA PRO A 237 -11.45 -14.33 8.13
C PRO A 237 -11.28 -12.83 7.81
N VAL A 238 -10.04 -12.32 7.93
CA VAL A 238 -9.74 -10.89 7.62
C VAL A 238 -9.86 -10.69 6.11
N THR A 239 -9.21 -11.54 5.32
CA THR A 239 -9.17 -11.43 3.84
C THR A 239 -10.59 -11.47 3.28
N LYS A 240 -11.42 -12.39 3.75
CA LYS A 240 -12.82 -12.53 3.26
C LYS A 240 -13.60 -11.23 3.56
N LEU A 241 -13.49 -10.68 4.77
CA LEU A 241 -14.28 -9.48 5.15
C LEU A 241 -13.80 -8.27 4.35
N THR A 242 -12.48 -8.14 4.15
CA THR A 242 -11.87 -7.02 3.40
C THR A 242 -12.29 -7.10 1.93
N ALA A 243 -12.51 -8.31 1.39
CA ALA A 243 -12.97 -8.47 -0.01
C ALA A 243 -14.32 -7.77 -0.19
N ASN A 244 -15.21 -7.84 0.81
CA ASN A 244 -16.51 -7.11 0.79
C ASN A 244 -16.26 -5.60 0.62
N ASP A 245 -15.23 -5.07 1.28
CA ASP A 245 -14.98 -3.60 1.26
C ASP A 245 -14.54 -3.18 -0.14
N ILE A 246 -13.64 -3.92 -0.81
CA ILE A 246 -13.13 -3.47 -2.14
C ILE A 246 -14.29 -3.54 -3.14
N TYR A 247 -15.11 -4.59 -3.06
CA TYR A 247 -16.25 -4.80 -3.99
C TYR A 247 -17.32 -3.72 -3.77
N ALA A 248 -17.57 -3.30 -2.52
CA ALA A 248 -18.47 -2.16 -2.24
C ALA A 248 -18.00 -0.96 -3.08
N GLU A 249 -16.70 -0.70 -3.17
CA GLU A 249 -16.17 0.43 -3.99
C GLU A 249 -16.31 0.11 -5.48
N PHE A 250 -15.93 -1.09 -5.91
CA PHE A 250 -15.94 -1.49 -7.34
C PHE A 250 -17.38 -1.33 -7.87
N TRP A 251 -18.36 -1.82 -7.12
CA TRP A 251 -19.78 -1.89 -7.57
C TRP A 251 -20.37 -0.47 -7.63
N ALA A 252 -19.97 0.42 -6.72
CA ALA A 252 -20.39 1.84 -6.75
C ALA A 252 -19.81 2.51 -8.01
N GLU A 253 -18.56 2.24 -8.36
CA GLU A 253 -17.94 2.76 -9.61
C GLU A 253 -18.67 2.20 -10.83
N GLY A 254 -19.06 0.92 -10.79
CA GLY A 254 -19.83 0.28 -11.87
C GLY A 254 -21.15 0.97 -12.11
N ASP A 255 -21.85 1.31 -11.03
CA ASP A 255 -23.12 2.09 -11.07
C ASP A 255 -22.82 3.42 -11.78
N GLU A 256 -21.68 4.05 -11.48
CA GLU A 256 -21.36 5.39 -12.03
C GLU A 256 -21.03 5.25 -13.52
N MET A 257 -20.37 4.15 -13.91
CA MET A 257 -20.08 3.84 -15.34
C MET A 257 -21.41 3.65 -16.09
N LYS A 258 -22.36 2.91 -15.53
CA LYS A 258 -23.70 2.72 -16.15
C LYS A 258 -24.39 4.08 -16.34
N LYS A 259 -24.19 5.02 -15.41
CA LYS A 259 -24.85 6.35 -15.48
C LYS A 259 -24.23 7.15 -16.64
N LEU A 260 -22.98 6.90 -17.00
CA LEU A 260 -22.33 7.55 -18.17
C LEU A 260 -22.72 6.85 -19.47
N GLY A 261 -23.48 5.75 -19.40
CA GLY A 261 -23.92 4.98 -20.57
C GLY A 261 -22.86 4.00 -21.04
N ILE A 262 -21.91 3.66 -20.17
CA ILE A 262 -20.76 2.76 -20.45
C ILE A 262 -20.95 1.46 -19.66
N GLN A 263 -20.77 0.33 -20.32
CA GLN A 263 -20.79 -1.02 -19.67
C GLN A 263 -19.56 -1.14 -18.78
N PRO A 264 -19.72 -1.37 -17.45
CA PRO A 264 -18.56 -1.54 -16.58
C PRO A 264 -17.86 -2.89 -16.80
N ILE A 265 -16.55 -2.97 -16.57
CA ILE A 265 -15.84 -4.28 -16.58
C ILE A 265 -16.50 -5.17 -15.53
N PRO A 266 -16.38 -6.52 -15.65
CA PRO A 266 -17.15 -7.43 -14.80
C PRO A 266 -16.92 -7.30 -13.28
N MET A 267 -15.68 -7.00 -12.85
CA MET A 267 -15.40 -6.92 -11.39
C MET A 267 -16.15 -5.74 -10.77
N MET A 268 -16.66 -4.79 -11.58
CA MET A 268 -17.38 -3.58 -11.12
C MET A 268 -18.89 -3.67 -11.37
N ASP A 269 -19.41 -4.80 -11.86
CA ASP A 269 -20.86 -4.97 -12.08
C ASP A 269 -21.47 -5.73 -10.90
N ARG A 270 -22.33 -5.08 -10.11
CA ARG A 270 -22.90 -5.70 -8.89
C ARG A 270 -23.85 -6.87 -9.27
N ASP A 271 -24.26 -6.94 -10.55
CA ASP A 271 -25.12 -8.04 -11.06
C ASP A 271 -24.29 -9.32 -11.22
N LYS A 272 -22.97 -9.19 -11.39
CA LYS A 272 -22.05 -10.36 -11.53
C LYS A 272 -21.52 -10.78 -10.15
N LYS A 273 -22.25 -10.46 -9.08
CA LYS A 273 -21.88 -10.70 -7.67
C LYS A 273 -21.54 -12.19 -7.43
N ASP A 274 -22.26 -13.13 -8.06
CA ASP A 274 -22.11 -14.59 -7.81
C ASP A 274 -20.79 -15.08 -8.41
N GLU A 275 -20.13 -14.31 -9.27
CA GLU A 275 -18.86 -14.69 -9.92
C GLU A 275 -17.65 -14.18 -9.11
N VAL A 276 -17.85 -13.63 -7.91
CA VAL A 276 -16.72 -13.04 -7.10
C VAL A 276 -15.66 -14.10 -6.84
N PRO A 277 -16.01 -15.35 -6.41
CA PRO A 277 -14.99 -16.35 -6.14
C PRO A 277 -14.08 -16.65 -7.35
N GLN A 278 -14.67 -16.80 -8.55
CA GLN A 278 -13.88 -16.98 -9.80
C GLN A 278 -13.07 -15.71 -10.09
N GLY A 279 -13.61 -14.52 -9.82
CA GLY A 279 -12.88 -13.26 -10.06
C GLY A 279 -11.63 -13.20 -9.19
N GLN A 280 -11.78 -13.55 -7.91
CA GLN A 280 -10.66 -13.65 -6.94
C GLN A 280 -9.62 -14.64 -7.45
N LEU A 281 -10.05 -15.81 -7.92
CA LEU A 281 -9.13 -16.83 -8.48
C LEU A 281 -8.25 -16.17 -9.55
N GLY A 282 -8.86 -15.49 -10.52
CA GLY A 282 -8.13 -14.79 -11.60
C GLY A 282 -7.16 -13.75 -11.05
N PHE A 283 -7.61 -12.99 -10.04
CA PHE A 283 -6.79 -11.91 -9.40
C PHE A 283 -5.55 -12.54 -8.75
N TYR A 284 -5.72 -13.60 -7.96
CA TYR A 284 -4.59 -14.29 -7.29
C TYR A 284 -3.59 -14.81 -8.35
N ASN A 285 -4.07 -15.43 -9.44
CA ASN A 285 -3.19 -16.12 -10.44
C ASN A 285 -2.48 -15.07 -11.31
N ALA A 286 -3.17 -14.02 -11.74
CA ALA A 286 -2.64 -13.00 -12.68
C ALA A 286 -1.82 -11.94 -11.93
N VAL A 287 -2.09 -11.67 -10.64
CA VAL A 287 -1.55 -10.45 -9.96
C VAL A 287 -0.81 -10.83 -8.68
N ALA A 288 -1.52 -11.35 -7.67
CA ALA A 288 -1.00 -11.45 -6.28
C ALA A 288 0.12 -12.50 -6.19
N ILE A 289 -0.13 -13.75 -6.62
CA ILE A 289 0.87 -14.84 -6.44
C ILE A 289 2.17 -14.44 -7.15
N PRO A 290 2.14 -14.02 -8.43
CA PRO A 290 3.36 -13.56 -9.10
C PRO A 290 4.06 -12.42 -8.33
N CYS A 291 3.29 -11.46 -7.76
CA CYS A 291 3.84 -10.30 -7.00
C CYS A 291 4.69 -10.85 -5.85
N TYR A 292 4.08 -11.64 -4.98
CA TYR A 292 4.72 -12.17 -3.74
C TYR A 292 5.79 -13.22 -4.09
N THR A 293 5.66 -13.92 -5.23
CA THR A 293 6.68 -14.90 -5.72
C THR A 293 7.96 -14.13 -6.08
N THR A 294 7.87 -13.13 -6.97
CA THR A 294 9.03 -12.30 -7.37
C THR A 294 9.62 -11.62 -6.14
N LEU A 295 8.79 -11.11 -5.21
CA LEU A 295 9.31 -10.43 -4.00
C LEU A 295 10.09 -11.43 -3.13
N THR A 296 9.62 -12.67 -2.97
CA THR A 296 10.30 -13.71 -2.15
C THR A 296 11.66 -14.06 -2.79
N GLN A 297 11.75 -14.05 -4.12
CA GLN A 297 13.02 -14.30 -4.86
C GLN A 297 14.04 -13.22 -4.46
N ILE A 298 13.65 -11.95 -4.45
CA ILE A 298 14.56 -10.81 -4.17
C ILE A 298 14.78 -10.70 -2.66
N LEU A 299 13.73 -10.79 -1.86
CA LEU A 299 13.77 -10.65 -0.38
C LEU A 299 13.23 -11.93 0.26
N PRO A 300 14.08 -12.98 0.39
CA PRO A 300 13.66 -14.29 0.93
C PRO A 300 12.87 -14.24 2.24
N PRO A 301 13.22 -13.39 3.23
CA PRO A 301 12.43 -13.29 4.46
C PRO A 301 10.96 -12.86 4.29
N THR A 302 10.54 -12.35 3.12
CA THR A 302 9.11 -11.99 2.84
C THR A 302 8.30 -13.22 2.45
N GLU A 303 8.82 -14.43 2.70
CA GLU A 303 8.16 -15.74 2.41
C GLU A 303 6.76 -15.82 2.99
N PRO A 304 6.55 -15.45 4.28
CA PRO A 304 5.23 -15.59 4.91
C PRO A 304 4.10 -14.85 4.16
N LEU A 305 4.40 -13.76 3.44
CA LEU A 305 3.40 -13.07 2.57
C LEU A 305 2.97 -14.01 1.45
N LEU A 306 3.92 -14.68 0.77
CA LEU A 306 3.60 -15.64 -0.33
C LEU A 306 2.80 -16.81 0.24
N LYS A 307 3.26 -17.39 1.35
CA LYS A 307 2.59 -18.53 2.03
C LYS A 307 1.13 -18.18 2.33
N ALA A 308 0.87 -17.03 2.96
CA ALA A 308 -0.50 -16.62 3.37
C ALA A 308 -1.35 -16.31 2.11
N CYS A 309 -0.75 -15.81 1.03
CA CYS A 309 -1.44 -15.55 -0.25
C CYS A 309 -1.91 -16.88 -0.86
N ARG A 310 -1.01 -17.87 -0.96
CA ARG A 310 -1.31 -19.27 -1.43
C ARG A 310 -2.44 -19.87 -0.59
N ASP A 311 -2.42 -19.69 0.74
CA ASP A 311 -3.46 -20.24 1.64
C ASP A 311 -4.83 -19.62 1.30
N ASN A 312 -4.90 -18.31 1.08
CA ASN A 312 -6.18 -17.61 0.71
C ASN A 312 -6.63 -18.08 -0.69
N LEU A 313 -5.71 -18.31 -1.64
CA LEU A 313 -6.06 -18.82 -3.00
C LEU A 313 -6.76 -20.18 -2.85
N SER A 314 -6.25 -21.03 -1.95
CA SER A 314 -6.83 -22.36 -1.64
C SER A 314 -8.24 -22.18 -1.05
N GLN A 315 -8.45 -21.20 -0.18
CA GLN A 315 -9.78 -20.93 0.45
C GLN A 315 -10.81 -20.54 -0.60
N TRP A 316 -10.44 -19.75 -1.61
CA TRP A 316 -11.37 -19.31 -2.69
C TRP A 316 -11.75 -20.50 -3.59
N GLU A 317 -10.81 -21.41 -3.84
CA GLU A 317 -11.04 -22.67 -4.57
C GLU A 317 -12.02 -23.53 -3.77
N LYS A 318 -11.82 -23.63 -2.46
CA LYS A 318 -12.76 -24.35 -1.57
C LYS A 318 -14.14 -23.69 -1.65
N VAL A 319 -14.21 -22.37 -1.82
CA VAL A 319 -15.53 -21.66 -2.00
C VAL A 319 -16.15 -22.10 -3.33
N ILE A 320 -15.39 -22.08 -4.42
CA ILE A 320 -15.87 -22.40 -5.80
C ILE A 320 -16.42 -23.84 -5.83
N ARG A 321 -15.74 -24.79 -5.18
CA ARG A 321 -16.19 -26.22 -5.08
C ARG A 321 -17.35 -26.35 -4.09
N GLY A 322 -17.83 -25.24 -3.50
CA GLY A 322 -19.03 -25.21 -2.65
C GLY A 322 -18.79 -25.82 -1.28
N GLU A 323 -17.54 -25.89 -0.82
CA GLU A 323 -17.15 -26.46 0.51
C GLU A 323 -17.07 -25.33 1.56
N GLU A 324 -16.89 -24.07 1.13
CA GLU A 324 -16.86 -22.87 1.99
C GLU A 324 -18.00 -21.91 1.60
ZN ZN B . -3.73 1.51 -1.57
MG MG C . -3.88 3.86 -4.82
CL CL D . -11.73 4.02 19.22
CL CL E . 8.09 23.66 10.03
CL CL F . -15.50 12.11 3.64
N3 KI4 G . -13.49 -9.85 -9.61
C5 KI4 G . -12.58 -9.88 -10.65
C7 KI4 G . -14.65 -10.25 -10.12
C8 KI4 G . -9.29 -7.37 -6.96
N12 KI4 G . -9.10 -7.54 -3.95
C15 KI4 G . -15.56 -10.99 -12.27
C21 KI4 G . -10.87 -8.53 -9.44
C22 KI4 G . -8.99 -7.88 -2.58
C24 KI4 G . -16.96 -10.89 -10.32
C26 KI4 G . -6.81 -3.46 -4.98
C28 KI4 G . -9.46 -9.09 -2.07
C1 KI4 G . -8.62 -6.38 -6.08
C2 KI4 G . -8.56 -6.49 -4.66
N4 KI4 G . -7.90 -5.46 -4.13
N6 KI4 G . -14.50 -10.53 -11.48
C9 KI4 G . -13.20 -10.26 -11.82
N10 KI4 G . -7.56 -4.69 -5.20
C11 KI4 G . -7.97 -5.21 -6.37
N13 KI4 G . -9.23 -7.13 -8.27
C14 KI4 G . -11.19 -9.38 -10.50
C16 KI4 G . -15.92 -10.46 -9.54
O17 KI4 G . -9.83 -8.36 -6.48
C18 KI4 G . -9.60 -7.98 -9.34
N19 KI4 G . -8.34 -7.31 -0.36
N20 KI4 G . -9.36 -9.43 -0.78
C23 KI4 G . -16.78 -11.18 -11.70
C25 KI4 G . -8.81 -8.51 0.01
C27 KI4 G . -8.46 -7.01 -1.64
C29 KI4 G . -10.25 -9.59 -11.50
C30 KI4 G . -8.99 -9.03 -11.41
C31 KI4 G . -8.66 -8.23 -10.33
#